data_3U7H
#
_entry.id   3U7H
#
_cell.length_a   42.830
_cell.length_b   62.530
_cell.length_c   67.980
_cell.angle_alpha   90.000
_cell.angle_beta   91.690
_cell.angle_gamma   90.000
#
_symmetry.space_group_name_H-M   'P 1 21 1'
#
loop_
_entity.id
_entity.type
_entity.pdbx_description
1 polymer 'Bifunctional polynucleotide phosphatase/kinase'
2 polymer DNA
3 non-polymer GLYCEROL
4 non-polymer 'MAGNESIUM ION'
5 non-polymer 'PHOSPHATE ION'
6 water water
#
loop_
_entity_poly.entity_id
_entity_poly.type
_entity_poly.pdbx_seq_one_letter_code
_entity_poly.pdbx_strand_id
1 'polypeptide(L)'
;SSLGWESLKKLLVFTASGVKPQGKVAAFALDGTLITTRSGKVFPTSPSDWRILYPEIPKKLQELAAEGYKLVIFTNQ
(MSE)GIGRGKLPAEVFKGKVEAVLEKLGVPFQVLVATHAGLNRKPVSG(MSE)WDHLQEQANEGIPISVEDSVFVGDAA
GRLANWAPGRKKKDFSCADRLFALNVGLPFATPEEFFLKWPAARFELPAFDPRTISSAGPLYLPESSSLLSPNPEVVVAV
GFPGAGKSTFIQEHLVSAGYVHVNRDTLGSWQRCVSSCQAALRQGKRVVIDNTNPDVPSRARYIQCAKDAGVPCRCFNF
(CSO)ATIEQARHNNRFRE(MSE)TDPSHAPVSD(MSE)V(MSE)FSYRKQFEPPTLAEGFLEILEIPFRLQEHLDPALQ
RLYRQFSEG
;
B
2 'polydeoxyribonucleotide' (DT)(DC)(DC)(DT)(DT) X
#
# COMPACT_ATOMS: atom_id res chain seq x y z
N SER A 1 32.09 -15.48 -13.14
CA SER A 1 32.80 -14.28 -12.72
C SER A 1 31.83 -13.16 -12.42
N SER A 2 30.65 -13.51 -11.90
CA SER A 2 29.67 -12.51 -11.57
C SER A 2 29.79 -12.09 -10.11
N LEU A 3 29.49 -10.82 -9.85
CA LEU A 3 29.38 -10.32 -8.49
C LEU A 3 28.49 -11.23 -7.64
N GLY A 4 27.34 -11.59 -8.19
CA GLY A 4 26.52 -12.61 -7.56
C GLY A 4 25.42 -12.06 -6.68
N TRP A 5 25.01 -12.88 -5.71
CA TRP A 5 23.87 -12.57 -4.86
C TRP A 5 24.27 -11.73 -3.65
N GLU A 6 23.42 -10.78 -3.30
CA GLU A 6 23.56 -10.04 -2.06
C GLU A 6 22.25 -10.17 -1.32
N SER A 7 22.34 -10.48 -0.03
CA SER A 7 21.15 -10.70 0.77
C SER A 7 21.04 -9.61 1.82
N LEU A 8 19.98 -8.83 1.73
CA LEU A 8 19.73 -7.73 2.67
C LEU A 8 18.44 -8.00 3.42
N LYS A 9 18.15 -7.13 4.38
CA LYS A 9 16.87 -7.18 5.05
C LYS A 9 15.78 -6.88 4.02
N LYS A 10 14.95 -7.89 3.76
CA LYS A 10 13.77 -7.76 2.91
C LYS A 10 14.08 -7.43 1.45
N LEU A 11 15.27 -7.82 1.01
CA LEU A 11 15.67 -7.63 -0.40
C LEU A 11 16.82 -8.54 -0.79
N LEU A 12 16.69 -9.20 -1.94
CA LEU A 12 17.81 -9.92 -2.56
C LEU A 12 18.23 -9.21 -3.82
N VAL A 13 19.53 -9.16 -4.08
CA VAL A 13 20.06 -8.58 -5.30
C VAL A 13 21.06 -9.52 -6.02
N PHE A 14 20.82 -9.75 -7.30
CA PHE A 14 21.78 -10.49 -8.12
C PHE A 14 22.29 -9.58 -9.23
N THR A 15 23.60 -9.55 -9.38
CA THR A 15 24.22 -8.81 -10.46
C THR A 15 25.00 -9.80 -11.31
N ALA A 16 24.49 -10.07 -12.51
CA ALA A 16 25.15 -11.03 -13.39
C ALA A 16 26.47 -10.48 -13.88
N SER A 17 27.33 -11.38 -14.32
CA SER A 17 28.54 -11.00 -15.02
C SER A 17 28.15 -10.21 -16.26
N GLY A 18 28.86 -9.13 -16.54
CA GLY A 18 28.58 -8.35 -17.73
C GLY A 18 27.62 -7.19 -17.52
N VAL A 19 27.09 -7.05 -16.31
CA VAL A 19 26.24 -5.91 -16.02
C VAL A 19 27.07 -4.63 -15.95
N LYS A 20 26.57 -3.58 -16.60
CA LYS A 20 27.18 -2.25 -16.54
C LYS A 20 26.14 -1.24 -16.07
N PRO A 21 26.57 -0.29 -15.23
CA PRO A 21 25.60 0.74 -14.84
C PRO A 21 25.32 1.62 -16.05
N GLN A 22 24.09 2.13 -16.17
CA GLN A 22 23.76 3.00 -17.28
C GLN A 22 22.81 4.09 -16.80
N GLY A 23 22.71 5.17 -17.58
CA GLY A 23 21.80 6.25 -17.28
C GLY A 23 20.39 6.06 -17.79
N LYS A 24 20.11 4.88 -18.37
CA LYS A 24 18.74 4.48 -18.67
C LYS A 24 18.58 2.98 -18.47
N VAL A 25 17.37 2.58 -18.11
CA VAL A 25 17.09 1.23 -17.66
C VAL A 25 15.87 0.63 -18.37
N ALA A 26 15.95 -0.64 -18.72
CA ALA A 26 14.77 -1.33 -19.18
C ALA A 26 14.53 -2.42 -18.15
N ALA A 27 13.50 -2.25 -17.34
CA ALA A 27 13.23 -3.16 -16.24
C ALA A 27 11.97 -4.00 -16.48
N PHE A 28 11.91 -5.18 -15.87
CA PHE A 28 10.85 -6.14 -16.14
C PHE A 28 10.45 -6.85 -14.87
N ALA A 29 9.17 -7.16 -14.73
CA ALA A 29 8.77 -8.12 -13.73
C ALA A 29 9.30 -9.47 -14.23
N LEU A 30 9.26 -10.49 -13.38
CA LEU A 30 9.73 -11.81 -13.76
C LEU A 30 8.56 -12.73 -14.15
N ASP A 31 7.81 -13.18 -13.15
CA ASP A 31 6.70 -14.10 -13.38
C ASP A 31 5.55 -13.45 -14.12
N GLY A 32 5.15 -14.07 -15.23
CA GLY A 32 4.09 -13.56 -16.07
C GLY A 32 4.58 -12.53 -17.07
N THR A 33 5.86 -12.16 -16.98
CA THR A 33 6.41 -11.12 -17.86
C THR A 33 7.55 -11.64 -18.74
N LEU A 34 8.59 -12.19 -18.10
CA LEU A 34 9.68 -12.86 -18.83
C LEU A 34 9.49 -14.37 -18.91
N ILE A 35 8.86 -14.95 -17.88
CA ILE A 35 8.63 -16.37 -17.84
C ILE A 35 7.17 -16.67 -17.52
N THR A 36 6.80 -17.92 -17.78
CA THR A 36 5.54 -18.47 -17.31
C THR A 36 5.73 -19.96 -17.04
N THR A 37 4.68 -20.63 -16.56
CA THR A 37 4.80 -22.07 -16.28
C THR A 37 4.91 -22.90 -17.55
N ARG A 38 5.79 -23.88 -17.52
CA ARG A 38 5.91 -24.83 -18.61
C ARG A 38 4.77 -25.84 -18.53
N SER A 39 4.28 -26.05 -17.31
CA SER A 39 3.22 -27.02 -17.06
C SER A 39 1.88 -26.53 -17.61
N GLY A 40 1.75 -25.22 -17.80
CA GLY A 40 0.49 -24.65 -18.24
C GLY A 40 -0.51 -24.46 -17.09
N LYS A 41 -0.03 -24.65 -15.86
CA LYS A 41 -0.87 -24.40 -14.70
C LYS A 41 -0.70 -22.96 -14.30
N VAL A 42 -1.72 -22.42 -13.64
CA VAL A 42 -1.69 -21.03 -13.23
C VAL A 42 -0.49 -20.76 -12.33
N PHE A 43 -0.21 -21.69 -11.42
CA PHE A 43 0.90 -21.55 -10.49
C PHE A 43 1.86 -22.73 -10.66
N PRO A 44 3.18 -22.49 -10.50
CA PRO A 44 4.23 -23.46 -10.85
C PRO A 44 4.14 -24.74 -10.02
N THR A 45 4.35 -25.89 -10.66
CA THR A 45 4.34 -27.17 -9.95
C THR A 45 5.60 -27.32 -9.12
N SER A 46 6.67 -26.65 -9.53
CA SER A 46 7.95 -26.70 -8.83
C SER A 46 8.87 -25.61 -9.36
N PRO A 47 10.03 -25.42 -8.71
CA PRO A 47 11.01 -24.42 -9.16
C PRO A 47 11.39 -24.61 -10.63
N SER A 48 11.28 -25.83 -11.13
N SER A 48 11.27 -25.84 -11.12
CA SER A 48 11.62 -26.16 -12.50
CA SER A 48 11.60 -26.19 -12.50
C SER A 48 10.50 -25.80 -13.49
C SER A 48 10.50 -25.81 -13.48
N ASP A 49 9.31 -25.50 -12.96
CA ASP A 49 8.16 -25.22 -13.80
C ASP A 49 8.19 -23.80 -14.38
N TRP A 50 9.02 -23.62 -15.39
CA TRP A 50 9.05 -22.34 -16.11
C TRP A 50 9.52 -22.51 -17.54
N ARG A 51 9.16 -21.53 -18.37
CA ARG A 51 9.73 -21.36 -19.68
C ARG A 51 9.68 -19.88 -20.01
N ILE A 52 10.42 -19.45 -21.02
CA ILE A 52 10.37 -18.06 -21.49
C ILE A 52 8.95 -17.83 -22.00
N LEU A 53 8.36 -16.69 -21.64
CA LEU A 53 6.95 -16.42 -21.93
C LEU A 53 6.63 -16.41 -23.43
N TYR A 54 7.41 -15.62 -24.18
CA TYR A 54 7.29 -15.49 -25.63
C TYR A 54 8.67 -15.65 -26.26
N PRO A 55 8.73 -16.36 -27.41
CA PRO A 55 10.01 -16.52 -28.12
C PRO A 55 10.59 -15.18 -28.62
N GLU A 56 9.78 -14.12 -28.67
CA GLU A 56 10.27 -12.81 -29.11
C GLU A 56 11.12 -12.11 -28.03
N ILE A 57 11.12 -12.64 -26.81
CA ILE A 57 11.73 -11.93 -25.69
C ILE A 57 13.25 -11.72 -25.82
N PRO A 58 14.04 -12.81 -25.99
CA PRO A 58 15.49 -12.60 -26.04
C PRO A 58 15.94 -11.60 -27.11
N LYS A 59 15.28 -11.61 -28.26
CA LYS A 59 15.64 -10.70 -29.33
C LYS A 59 15.47 -9.24 -28.88
N LYS A 60 14.33 -8.96 -28.27
CA LYS A 60 14.07 -7.62 -27.75
C LYS A 60 15.12 -7.21 -26.69
N LEU A 61 15.54 -8.19 -25.86
CA LEU A 61 16.49 -7.89 -24.79
C LEU A 61 17.88 -7.60 -25.36
N GLN A 62 18.25 -8.32 -26.42
CA GLN A 62 19.50 -8.07 -27.10
C GLN A 62 19.49 -6.66 -27.66
N GLU A 63 18.39 -6.27 -28.30
CA GLU A 63 18.28 -4.96 -28.90
C GLU A 63 18.41 -3.87 -27.85
N LEU A 64 17.69 -4.03 -26.74
CA LEU A 64 17.78 -3.09 -25.64
C LEU A 64 19.20 -2.99 -25.14
N ALA A 65 19.84 -4.13 -24.94
CA ALA A 65 21.19 -4.15 -24.40
C ALA A 65 22.17 -3.40 -25.30
N ALA A 66 22.08 -3.65 -26.61
CA ALA A 66 22.92 -2.97 -27.59
C ALA A 66 22.63 -1.48 -27.70
N GLU A 67 21.43 -1.06 -27.32
CA GLU A 67 21.08 0.35 -27.33
C GLU A 67 21.51 1.05 -26.03
N GLY A 68 22.06 0.28 -25.10
CA GLY A 68 22.61 0.86 -23.89
C GLY A 68 21.72 0.85 -22.66
N TYR A 69 20.56 0.20 -22.74
CA TYR A 69 19.72 0.04 -21.55
C TYR A 69 20.34 -0.99 -20.65
N LYS A 70 20.43 -0.66 -19.37
CA LYS A 70 20.76 -1.64 -18.36
C LYS A 70 19.49 -2.49 -18.17
N LEU A 71 19.66 -3.80 -18.21
CA LEU A 71 18.54 -4.72 -18.07
C LEU A 71 18.37 -5.08 -16.60
N VAL A 72 17.15 -4.91 -16.10
CA VAL A 72 16.87 -5.05 -14.69
C VAL A 72 15.58 -5.83 -14.48
N ILE A 73 15.53 -6.64 -13.42
CA ILE A 73 14.29 -7.30 -13.01
C ILE A 73 13.89 -6.79 -11.63
N PHE A 74 12.61 -6.49 -11.49
CA PHE A 74 12.00 -6.13 -10.21
C PHE A 74 10.89 -7.12 -9.97
N THR A 75 11.08 -8.03 -9.05
CA THR A 75 10.14 -9.12 -8.85
C THR A 75 9.71 -9.19 -7.39
N ASN A 76 8.39 -9.28 -7.20
CA ASN A 76 7.85 -9.54 -5.87
C ASN A 76 7.87 -11.05 -5.67
N GLN A 77 8.43 -11.48 -4.54
CA GLN A 77 8.40 -12.89 -4.16
C GLN A 77 8.14 -13.00 -2.66
N GLY A 79 6.52 -15.06 -1.15
CA GLY A 79 6.57 -16.45 -0.73
C GLY A 79 7.84 -16.72 0.06
N ILE A 80 8.89 -15.99 -0.28
CA ILE A 80 10.17 -16.13 0.40
C ILE A 80 10.09 -15.63 1.84
N GLY A 81 9.51 -14.44 2.03
CA GLY A 81 9.33 -13.89 3.36
C GLY A 81 8.35 -14.67 4.21
N ARG A 82 7.36 -15.28 3.57
CA ARG A 82 6.37 -16.12 4.25
C ARG A 82 6.89 -17.53 4.54
N GLY A 83 8.10 -17.83 4.07
CA GLY A 83 8.70 -19.13 4.29
C GLY A 83 8.09 -20.24 3.46
N LYS A 84 7.38 -19.86 2.40
CA LYS A 84 6.73 -20.83 1.53
C LYS A 84 7.62 -21.18 0.34
N LEU A 85 8.61 -20.34 0.07
CA LEU A 85 9.53 -20.57 -1.06
C LEU A 85 10.95 -20.30 -0.60
N PRO A 86 11.78 -21.34 -0.53
CA PRO A 86 13.15 -21.12 -0.05
C PRO A 86 13.90 -20.12 -0.93
N ALA A 87 14.62 -19.19 -0.30
CA ALA A 87 15.39 -18.19 -1.03
C ALA A 87 16.45 -18.89 -1.89
N GLU A 88 17.05 -19.96 -1.36
CA GLU A 88 18.13 -20.62 -2.07
C GLU A 88 17.62 -21.36 -3.31
N VAL A 89 16.38 -21.83 -3.25
CA VAL A 89 15.71 -22.43 -4.41
C VAL A 89 15.39 -21.36 -5.46
N PHE A 90 14.85 -20.23 -5.01
CA PHE A 90 14.48 -19.18 -5.93
C PHE A 90 15.70 -18.59 -6.64
N LYS A 91 16.83 -18.49 -5.93
CA LYS A 91 18.05 -17.94 -6.51
C LYS A 91 18.51 -18.82 -7.68
N GLY A 92 18.32 -20.13 -7.55
CA GLY A 92 18.72 -21.07 -8.58
C GLY A 92 17.86 -20.92 -9.82
N LYS A 93 16.56 -20.82 -9.59
CA LYS A 93 15.61 -20.56 -10.67
C LYS A 93 15.98 -19.26 -11.43
N VAL A 94 16.21 -18.17 -10.72
CA VAL A 94 16.56 -16.91 -11.38
C VAL A 94 17.81 -17.07 -12.25
N GLU A 95 18.82 -17.74 -11.71
CA GLU A 95 20.05 -17.98 -12.48
C GLU A 95 19.82 -18.82 -13.74
N ALA A 96 18.93 -19.81 -13.64
CA ALA A 96 18.60 -20.66 -14.80
C ALA A 96 17.88 -19.82 -15.84
N VAL A 97 16.90 -19.05 -15.39
CA VAL A 97 16.16 -18.17 -16.28
C VAL A 97 17.11 -17.21 -16.98
N LEU A 98 18.04 -16.62 -16.23
CA LEU A 98 18.99 -15.66 -16.80
C LEU A 98 19.91 -16.34 -17.83
N GLU A 99 20.29 -17.58 -17.60
CA GLU A 99 21.06 -18.34 -18.59
C GLU A 99 20.29 -18.44 -19.89
N LYS A 100 19.02 -18.80 -19.78
CA LYS A 100 18.20 -19.04 -20.96
C LYS A 100 17.98 -17.73 -21.72
N LEU A 101 17.75 -16.65 -20.99
CA LEU A 101 17.56 -15.33 -21.61
C LEU A 101 18.83 -14.86 -22.33
N GLY A 102 19.98 -15.25 -21.80
CA GLY A 102 21.25 -15.08 -22.50
C GLY A 102 21.78 -13.65 -22.59
N VAL A 103 21.31 -12.78 -21.70
CA VAL A 103 21.86 -11.45 -21.55
C VAL A 103 22.12 -11.11 -20.06
N PRO A 104 23.07 -10.20 -19.78
CA PRO A 104 23.39 -9.85 -18.38
C PRO A 104 22.26 -9.05 -17.73
N PHE A 105 21.77 -9.53 -16.59
CA PHE A 105 20.67 -8.91 -15.85
C PHE A 105 21.11 -8.56 -14.43
N GLN A 106 20.49 -7.51 -13.89
CA GLN A 106 20.53 -7.23 -12.46
C GLN A 106 19.15 -7.45 -11.88
N VAL A 107 19.04 -8.30 -10.87
CA VAL A 107 17.75 -8.70 -10.36
C VAL A 107 17.56 -8.24 -8.93
N LEU A 108 16.42 -7.62 -8.67
CA LEU A 108 16.03 -7.22 -7.32
C LEU A 108 14.77 -7.96 -6.92
N VAL A 109 14.79 -8.52 -5.72
CA VAL A 109 13.75 -9.44 -5.26
C VAL A 109 13.18 -8.92 -3.96
N ALA A 110 11.88 -8.62 -3.95
CA ALA A 110 11.20 -8.17 -2.75
C ALA A 110 10.61 -9.36 -2.02
N THR A 111 11.29 -9.76 -0.95
CA THR A 111 10.92 -10.97 -0.22
C THR A 111 9.80 -10.77 0.79
N HIS A 112 9.41 -9.53 1.04
CA HIS A 112 8.51 -9.24 2.15
C HIS A 112 7.52 -8.16 1.77
N ALA A 113 6.49 -7.99 2.59
CA ALA A 113 5.63 -6.82 2.47
C ALA A 113 6.48 -5.56 2.73
N GLY A 114 5.96 -4.41 2.34
CA GLY A 114 6.56 -3.16 2.79
C GLY A 114 7.21 -2.31 1.72
N LEU A 115 8.31 -1.69 2.09
CA LEU A 115 8.92 -0.65 1.25
C LEU A 115 9.40 -1.15 -0.09
N ASN A 116 9.78 -2.42 -0.17
CA ASN A 116 10.30 -2.96 -1.42
C ASN A 116 9.26 -3.67 -2.28
N ARG A 117 8.05 -3.84 -1.75
CA ARG A 117 7.03 -4.60 -2.47
C ARG A 117 6.32 -3.69 -3.45
N LYS A 118 6.44 -3.99 -4.74
CA LYS A 118 5.70 -3.27 -5.77
C LYS A 118 4.23 -3.24 -5.34
N PRO A 119 3.56 -2.10 -5.52
CA PRO A 119 4.02 -0.92 -6.26
C PRO A 119 4.92 0.08 -5.53
N VAL A 120 5.26 -0.14 -4.26
CA VAL A 120 6.11 0.83 -3.57
C VAL A 120 7.49 0.80 -4.22
N SER A 121 8.13 1.97 -4.27
CA SER A 121 9.30 2.13 -5.11
C SER A 121 10.64 1.74 -4.48
N GLY A 122 10.61 1.04 -3.35
CA GLY A 122 11.85 0.70 -2.66
C GLY A 122 12.94 0.07 -3.54
N TRP A 124 13.38 0.41 -6.90
CA TRP A 124 13.94 1.45 -7.75
C TRP A 124 14.96 2.27 -6.98
N ASP A 125 14.55 2.79 -5.83
CA ASP A 125 15.43 3.57 -4.99
C ASP A 125 16.71 2.82 -4.66
N HIS A 126 16.61 1.52 -4.37
CA HIS A 126 17.81 0.74 -4.11
C HIS A 126 18.72 0.66 -5.34
N LEU A 127 18.12 0.41 -6.51
CA LEU A 127 18.87 0.35 -7.76
C LEU A 127 19.61 1.64 -8.03
N GLN A 128 18.87 2.75 -7.95
CA GLN A 128 19.43 4.07 -8.23
C GLN A 128 20.48 4.47 -7.21
N GLU A 129 20.18 4.25 -5.93
CA GLU A 129 21.02 4.77 -4.86
C GLU A 129 22.14 3.83 -4.43
N GLN A 130 21.99 2.54 -4.66
CA GLN A 130 22.98 1.57 -4.17
C GLN A 130 23.64 0.71 -5.24
N ALA A 131 22.96 0.50 -6.37
CA ALA A 131 23.37 -0.56 -7.30
C ALA A 131 23.55 -0.10 -8.75
N ASN A 132 23.85 1.18 -8.94
CA ASN A 132 24.11 1.72 -10.27
C ASN A 132 25.39 2.58 -10.28
N GLU A 133 26.27 2.32 -9.32
CA GLU A 133 27.56 3.02 -9.23
C GLU A 133 27.39 4.55 -9.29
N GLY A 134 26.24 5.05 -8.83
CA GLY A 134 26.06 6.49 -8.69
C GLY A 134 25.71 7.23 -9.96
N ILE A 135 25.49 6.49 -11.04
CA ILE A 135 25.00 7.08 -12.28
C ILE A 135 23.52 7.40 -12.14
N PRO A 136 23.16 8.67 -12.31
CA PRO A 136 21.74 9.02 -12.34
C PRO A 136 21.05 8.37 -13.53
N ILE A 137 19.86 7.86 -13.27
CA ILE A 137 19.07 7.17 -14.26
C ILE A 137 17.92 8.05 -14.69
N SER A 138 17.79 8.24 -16.00
CA SER A 138 16.72 9.05 -16.54
C SER A 138 15.47 8.20 -16.63
N VAL A 139 14.47 8.56 -15.84
CA VAL A 139 13.24 7.79 -15.76
C VAL A 139 12.47 7.90 -17.05
N GLU A 140 12.56 9.08 -17.68
CA GLU A 140 11.84 9.35 -18.91
C GLU A 140 12.41 8.55 -20.08
N ASP A 141 13.68 8.21 -20.02
CA ASP A 141 14.30 7.38 -21.05
C ASP A 141 14.29 5.91 -20.69
N SER A 142 13.67 5.57 -19.57
CA SER A 142 13.63 4.17 -19.13
C SER A 142 12.27 3.55 -19.41
N VAL A 143 12.11 2.30 -19.01
CA VAL A 143 10.85 1.64 -19.20
C VAL A 143 10.70 0.48 -18.21
N PHE A 144 9.48 0.29 -17.73
CA PHE A 144 9.16 -0.87 -16.92
C PHE A 144 8.05 -1.66 -17.61
N VAL A 145 8.21 -2.98 -17.62
CA VAL A 145 7.30 -3.88 -18.32
C VAL A 145 6.86 -4.96 -17.35
N GLY A 146 5.55 -5.19 -17.25
CA GLY A 146 5.01 -6.07 -16.23
C GLY A 146 3.59 -6.51 -16.51
N ASP A 147 3.20 -7.66 -15.97
CA ASP A 147 1.89 -8.26 -16.26
C ASP A 147 0.82 -7.92 -15.22
N ALA A 148 1.24 -7.47 -14.02
CA ALA A 148 0.26 -6.98 -13.02
C ALA A 148 -0.12 -5.56 -13.39
N ALA A 149 -1.00 -5.44 -14.37
CA ALA A 149 -1.21 -4.18 -15.04
C ALA A 149 -2.65 -3.68 -14.93
N GLY A 150 -3.44 -4.35 -14.11
CA GLY A 150 -4.80 -3.90 -13.85
C GLY A 150 -5.75 -4.09 -15.02
N ARG A 151 -5.40 -5.01 -15.91
CA ARG A 151 -6.21 -5.25 -17.10
C ARG A 151 -7.49 -5.98 -16.77
N LEU A 152 -8.55 -5.59 -17.47
CA LEU A 152 -9.87 -6.17 -17.32
C LEU A 152 -9.88 -7.58 -17.89
N ALA A 153 -10.95 -8.32 -17.62
CA ALA A 153 -11.12 -9.65 -18.20
C ALA A 153 -11.14 -9.59 -19.74
N ASN A 154 -10.53 -10.60 -20.35
CA ASN A 154 -10.66 -10.89 -21.79
C ASN A 154 -9.79 -10.12 -22.77
N TRP A 155 -8.85 -9.33 -22.27
CA TRP A 155 -7.96 -8.56 -23.17
C TRP A 155 -7.30 -9.44 -24.24
N ALA A 156 -7.60 -10.74 -24.23
CA ALA A 156 -7.10 -11.63 -25.27
C ALA A 156 -7.74 -13.01 -25.14
N PRO A 157 -7.87 -13.74 -26.27
CA PRO A 157 -8.41 -15.10 -26.21
C PRO A 157 -7.74 -15.93 -25.12
N GLY A 158 -8.52 -16.57 -24.26
CA GLY A 158 -7.97 -17.40 -23.22
C GLY A 158 -7.61 -16.59 -21.99
N ARG A 159 -7.88 -15.28 -22.05
CA ARG A 159 -7.67 -14.41 -20.90
C ARG A 159 -8.99 -14.03 -20.26
N LYS A 160 -9.79 -15.02 -19.93
CA LYS A 160 -11.09 -14.72 -19.36
C LYS A 160 -10.99 -14.17 -17.92
N LYS A 161 -9.78 -13.88 -17.45
CA LYS A 161 -9.62 -13.36 -16.08
C LYS A 161 -8.81 -12.07 -16.07
N LYS A 162 -9.26 -11.11 -15.27
CA LYS A 162 -8.54 -9.86 -15.11
C LYS A 162 -7.16 -10.12 -14.49
N ASP A 163 -6.26 -9.17 -14.64
CA ASP A 163 -4.99 -9.22 -13.92
C ASP A 163 -5.24 -9.40 -12.42
N PHE A 164 -4.45 -10.28 -11.80
CA PHE A 164 -4.51 -10.48 -10.36
C PHE A 164 -4.22 -9.19 -9.60
N SER A 165 -3.59 -8.22 -10.27
CA SER A 165 -3.06 -7.06 -9.59
C SER A 165 -2.67 -5.95 -10.55
N CYS A 166 -2.52 -4.73 -10.02
CA CYS A 166 -2.09 -3.57 -10.81
C CYS A 166 -0.70 -3.11 -10.34
N ALA A 167 -0.02 -3.96 -9.60
CA ALA A 167 1.23 -3.59 -8.92
C ALA A 167 2.33 -3.11 -9.87
N ASP A 168 2.42 -3.69 -11.07
CA ASP A 168 3.49 -3.31 -11.98
C ASP A 168 3.19 -1.94 -12.59
N ARG A 169 1.97 -1.73 -13.06
CA ARG A 169 1.62 -0.42 -13.60
C ARG A 169 1.78 0.68 -12.55
N LEU A 170 1.44 0.38 -11.30
CA LEU A 170 1.48 1.38 -10.25
C LEU A 170 2.91 1.68 -9.79
N PHE A 171 3.79 0.67 -9.90
CA PHE A 171 5.21 0.82 -9.62
C PHE A 171 5.79 1.85 -10.58
N ALA A 172 5.46 1.70 -11.85
CA ALA A 172 5.92 2.60 -12.88
C ALA A 172 5.33 3.98 -12.64
N LEU A 173 4.06 4.01 -12.24
CA LEU A 173 3.42 5.29 -11.96
C LEU A 173 4.14 5.99 -10.80
N ASN A 174 4.46 5.24 -9.75
CA ASN A 174 5.10 5.81 -8.57
C ASN A 174 6.48 6.42 -8.88
N VAL A 175 7.23 5.73 -9.72
CA VAL A 175 8.59 6.13 -10.08
C VAL A 175 8.61 7.19 -11.16
N GLY A 176 7.60 7.16 -12.04
CA GLY A 176 7.56 8.04 -13.18
C GLY A 176 8.04 7.34 -14.44
N LEU A 177 8.13 6.02 -14.40
CA LEU A 177 8.61 5.25 -15.55
C LEU A 177 7.51 5.03 -16.59
N PRO A 178 7.86 5.19 -17.90
CA PRO A 178 6.93 4.71 -18.94
C PRO A 178 6.65 3.23 -18.72
N PHE A 179 5.42 2.81 -19.00
CA PHE A 179 5.00 1.45 -18.69
C PHE A 179 4.43 0.72 -19.91
N ALA A 180 4.60 -0.61 -19.93
CA ALA A 180 3.95 -1.43 -20.96
C ALA A 180 3.82 -2.84 -20.45
N THR A 181 2.81 -3.53 -20.93
CA THR A 181 2.61 -4.93 -20.63
C THR A 181 3.57 -5.75 -21.50
N PRO A 182 3.73 -7.04 -21.18
CA PRO A 182 4.61 -7.91 -21.96
C PRO A 182 4.18 -8.03 -23.41
N GLU A 183 2.88 -8.05 -23.62
CA GLU A 183 2.32 -8.20 -24.96
C GLU A 183 2.43 -6.92 -25.77
N GLU A 184 2.18 -5.78 -25.11
CA GLU A 184 2.36 -4.49 -25.74
C GLU A 184 3.84 -4.32 -26.10
N PHE A 185 4.70 -4.69 -25.16
CA PHE A 185 6.12 -4.42 -25.30
C PHE A 185 6.81 -5.36 -26.29
N PHE A 186 6.77 -6.66 -26.02
CA PHE A 186 7.39 -7.67 -26.89
C PHE A 186 6.62 -8.01 -28.16
N LEU A 187 5.30 -7.94 -28.11
CA LEU A 187 4.48 -8.38 -29.25
C LEU A 187 3.86 -7.24 -30.07
N LYS A 188 4.01 -6.01 -29.60
CA LYS A 188 3.44 -4.86 -30.31
C LYS A 188 1.91 -4.92 -30.36
N TRP A 189 1.29 -5.61 -29.40
CA TRP A 189 -0.16 -5.62 -29.30
C TRP A 189 -0.67 -4.24 -28.88
N PRO A 190 -1.87 -3.87 -29.34
CA PRO A 190 -2.52 -2.62 -28.93
C PRO A 190 -2.70 -2.55 -27.42
N ALA A 191 -2.77 -1.33 -26.87
CA ALA A 191 -2.92 -1.15 -25.43
C ALA A 191 -4.17 -1.86 -24.94
N ALA A 192 -4.06 -2.51 -23.80
CA ALA A 192 -5.20 -3.21 -23.21
C ALA A 192 -5.94 -2.30 -22.24
N ARG A 193 -7.26 -2.47 -22.15
CA ARG A 193 -8.07 -1.76 -21.17
C ARG A 193 -7.60 -2.13 -19.77
N PHE A 194 -7.52 -1.14 -18.89
CA PHE A 194 -7.07 -1.38 -17.53
C PHE A 194 -7.76 -0.41 -16.60
N GLU A 195 -7.79 -0.73 -15.31
CA GLU A 195 -8.27 0.19 -14.29
C GLU A 195 -7.18 0.51 -13.29
N LEU A 196 -7.27 1.71 -12.71
CA LEU A 196 -6.42 2.08 -11.59
C LEU A 196 -7.28 2.04 -10.33
N PRO A 197 -6.64 1.99 -9.15
CA PRO A 197 -7.41 2.04 -7.91
C PRO A 197 -8.19 3.35 -7.78
N ALA A 198 -9.40 3.26 -7.22
CA ALA A 198 -10.26 4.42 -7.01
C ALA A 198 -9.62 5.49 -6.13
N PHE A 199 -8.96 5.08 -5.05
CA PHE A 199 -8.24 6.03 -4.21
C PHE A 199 -6.84 6.30 -4.76
N ASP A 200 -6.60 7.54 -5.16
CA ASP A 200 -5.31 7.94 -5.70
C ASP A 200 -4.57 8.78 -4.66
N PRO A 201 -3.50 8.21 -4.08
CA PRO A 201 -2.68 8.81 -3.01
C PRO A 201 -2.03 10.14 -3.38
N ARG A 202 -1.84 10.38 -4.67
CA ARG A 202 -1.21 11.61 -5.14
C ARG A 202 -2.11 12.82 -4.91
N THR A 203 -3.39 12.56 -4.69
CA THR A 203 -4.37 13.62 -4.53
C THR A 203 -4.77 13.83 -3.08
N ILE A 204 -3.81 13.66 -2.17
CA ILE A 204 -4.09 13.80 -0.76
C ILE A 204 -3.19 14.90 -0.19
N SER A 205 -3.80 15.99 0.27
CA SER A 205 -3.03 17.13 0.74
C SER A 205 -3.19 17.40 2.22
N SER A 206 -2.47 18.41 2.70
CA SER A 206 -2.49 18.82 4.09
C SER A 206 -3.35 20.07 4.23
N ALA A 207 -4.07 20.42 3.16
CA ALA A 207 -4.85 21.64 3.14
C ALA A 207 -6.21 21.44 3.82
N GLY A 208 -7.11 22.38 3.61
CA GLY A 208 -8.48 22.24 4.08
C GLY A 208 -8.65 22.37 5.58
N PRO A 209 -9.91 22.48 6.03
CA PRO A 209 -10.26 22.58 7.45
C PRO A 209 -10.01 21.27 8.21
N LEU A 210 -9.69 21.40 9.49
CA LEU A 210 -9.41 20.28 10.36
C LEU A 210 -10.67 19.45 10.61
N TYR A 211 -11.80 20.14 10.67
CA TYR A 211 -13.10 19.52 10.91
C TYR A 211 -14.21 20.43 10.36
N LEU A 212 -15.40 19.86 10.20
CA LEU A 212 -16.54 20.60 9.69
C LEU A 212 -17.76 20.35 10.58
N PRO A 213 -18.59 21.38 10.78
CA PRO A 213 -18.43 22.75 10.27
C PRO A 213 -17.40 23.53 11.07
N GLU A 214 -16.71 24.44 10.40
CA GLU A 214 -15.61 25.19 11.00
C GLU A 214 -16.11 26.11 12.10
N SER A 215 -17.38 26.45 12.06
CA SER A 215 -17.98 27.28 13.09
C SER A 215 -18.03 26.56 14.43
N SER A 216 -18.05 25.23 14.40
CA SER A 216 -18.09 24.46 15.63
C SER A 216 -16.76 24.52 16.37
N SER A 217 -16.73 23.97 17.57
CA SER A 217 -15.52 23.93 18.38
C SER A 217 -15.18 22.48 18.73
N LEU A 218 -13.90 22.15 18.74
CA LEU A 218 -13.47 20.81 19.10
C LEU A 218 -13.75 20.51 20.56
N LEU A 219 -13.58 21.52 21.41
CA LEU A 219 -13.67 21.34 22.85
C LEU A 219 -14.92 21.97 23.42
N SER A 220 -15.37 21.43 24.54
CA SER A 220 -16.41 22.06 25.33
C SER A 220 -15.81 22.43 26.68
N PRO A 221 -16.17 23.61 27.20
CA PRO A 221 -15.72 23.98 28.55
C PRO A 221 -16.37 23.10 29.61
N ASN A 222 -17.48 22.47 29.28
CA ASN A 222 -18.21 21.64 30.25
C ASN A 222 -18.17 20.15 29.94
N PRO A 223 -18.48 19.32 30.95
CA PRO A 223 -18.55 17.86 30.76
C PRO A 223 -19.39 17.52 29.53
N GLU A 224 -19.02 16.43 28.88
CA GLU A 224 -19.64 15.98 27.64
C GLU A 224 -19.01 14.67 27.26
N VAL A 225 -19.61 13.99 26.30
CA VAL A 225 -19.07 12.75 25.80
C VAL A 225 -18.91 12.86 24.30
N VAL A 226 -17.68 12.64 23.82
CA VAL A 226 -17.43 12.66 22.39
C VAL A 226 -17.26 11.23 21.89
N VAL A 227 -18.09 10.82 20.95
CA VAL A 227 -18.02 9.51 20.34
C VAL A 227 -17.34 9.60 18.98
N ALA A 228 -16.14 9.04 18.89
CA ALA A 228 -15.39 8.98 17.65
C ALA A 228 -15.84 7.80 16.80
N VAL A 229 -16.05 8.07 15.53
CA VAL A 229 -16.51 7.05 14.58
C VAL A 229 -15.64 7.08 13.34
N GLY A 230 -15.17 5.92 12.93
CA GLY A 230 -14.40 5.80 11.70
C GLY A 230 -13.61 4.50 11.65
N PHE A 231 -13.15 4.16 10.45
CA PHE A 231 -12.37 2.94 10.25
C PHE A 231 -11.16 2.94 11.16
N PRO A 232 -10.80 1.74 11.65
CA PRO A 232 -9.49 1.56 12.27
C PRO A 232 -8.39 1.89 11.27
N GLY A 233 -7.21 2.29 11.73
CA GLY A 233 -6.13 2.67 10.84
C GLY A 233 -6.29 4.00 10.13
N ALA A 234 -7.40 4.68 10.37
CA ALA A 234 -7.72 5.96 9.73
C ALA A 234 -7.00 7.15 10.39
N GLY A 235 -6.46 6.94 11.58
CA GLY A 235 -5.78 8.00 12.30
C GLY A 235 -6.65 8.67 13.35
N LYS A 236 -7.75 8.03 13.76
CA LYS A 236 -8.59 8.59 14.82
C LYS A 236 -7.83 8.80 16.12
N SER A 237 -7.19 7.75 16.63
CA SER A 237 -6.49 7.84 17.90
C SER A 237 -5.49 8.97 17.91
N THR A 238 -4.73 9.10 16.83
CA THR A 238 -3.76 10.18 16.73
C THR A 238 -4.44 11.55 16.82
N PHE A 239 -5.54 11.70 16.11
CA PHE A 239 -6.31 12.94 16.11
C PHE A 239 -6.85 13.24 17.50
N ILE A 240 -7.37 12.21 18.15
CA ILE A 240 -7.98 12.30 19.46
C ILE A 240 -6.91 12.62 20.50
N GLN A 241 -5.77 11.96 20.41
CA GLN A 241 -4.70 12.20 21.36
C GLN A 241 -4.24 13.65 21.25
N GLU A 242 -4.07 14.09 20.00
CA GLU A 242 -3.50 15.40 19.72
C GLU A 242 -4.42 16.54 20.10
N HIS A 243 -5.73 16.37 19.89
CA HIS A 243 -6.67 17.49 20.04
C HIS A 243 -7.57 17.43 21.28
N LEU A 244 -7.84 16.24 21.80
CA LEU A 244 -8.71 16.12 22.96
C LEU A 244 -8.00 15.63 24.21
N VAL A 245 -7.29 14.52 24.10
CA VAL A 245 -6.61 13.97 25.26
C VAL A 245 -5.59 14.99 25.79
N SER A 246 -4.94 15.69 24.87
CA SER A 246 -4.00 16.74 25.27
C SER A 246 -4.73 17.92 25.94
N ALA A 247 -6.05 17.98 25.79
CA ALA A 247 -6.84 19.03 26.41
C ALA A 247 -7.50 18.57 27.71
N GLY A 248 -7.20 17.35 28.14
CA GLY A 248 -7.71 16.83 29.40
C GLY A 248 -8.92 15.91 29.25
N TYR A 249 -9.31 15.60 28.02
CA TYR A 249 -10.37 14.63 27.81
C TYR A 249 -9.94 13.24 28.30
N VAL A 250 -10.87 12.54 28.94
CA VAL A 250 -10.61 11.18 29.40
C VAL A 250 -10.76 10.21 28.23
N HIS A 251 -9.76 9.35 28.06
CA HIS A 251 -9.69 8.43 26.93
C HIS A 251 -10.30 7.09 27.27
N VAL A 252 -11.48 6.83 26.71
CA VAL A 252 -12.14 5.53 26.86
C VAL A 252 -11.86 4.68 25.63
N ASN A 253 -11.48 3.43 25.86
CA ASN A 253 -11.23 2.50 24.77
C ASN A 253 -11.78 1.12 25.15
N ARG A 254 -13.07 0.91 24.87
CA ARG A 254 -13.84 -0.27 25.30
C ARG A 254 -13.08 -1.61 25.22
N ASP A 255 -12.23 -1.76 24.22
CA ASP A 255 -11.44 -2.99 24.06
C ASP A 255 -10.61 -3.34 25.29
N THR A 256 -9.97 -2.33 25.89
CA THR A 256 -9.11 -2.53 27.05
C THR A 256 -9.90 -2.58 28.37
N LEU A 257 -11.20 -2.29 28.29
CA LEU A 257 -12.06 -2.35 29.47
C LEU A 257 -12.65 -3.75 29.59
N CYS A 263 -17.35 0.32 31.00
CA CYS A 263 -17.40 1.14 29.79
C CYS A 263 -18.39 2.29 29.96
N VAL A 264 -19.53 1.98 30.57
CA VAL A 264 -20.53 3.00 30.89
C VAL A 264 -20.18 3.61 32.24
N SER A 265 -20.19 2.80 33.29
CA SER A 265 -19.88 3.28 34.64
C SER A 265 -18.58 4.08 34.62
N SER A 266 -17.63 3.66 33.80
CA SER A 266 -16.37 4.37 33.65
C SER A 266 -16.62 5.76 33.05
N CYS A 267 -17.41 5.79 31.99
CA CYS A 267 -17.75 7.04 31.34
C CYS A 267 -18.50 7.93 32.33
N GLN A 268 -19.33 7.32 33.18
CA GLN A 268 -20.12 8.07 34.14
C GLN A 268 -19.23 8.61 35.24
N ALA A 269 -18.26 7.80 35.66
CA ALA A 269 -17.37 8.19 36.75
C ALA A 269 -16.60 9.45 36.38
N ALA A 270 -16.19 9.55 35.13
CA ALA A 270 -15.44 10.71 34.66
C ALA A 270 -16.33 11.96 34.67
N LEU A 271 -17.57 11.81 34.20
CA LEU A 271 -18.51 12.92 34.13
C LEU A 271 -18.82 13.53 35.50
N ARG A 272 -19.03 12.68 36.50
CA ARG A 272 -19.30 13.15 37.85
C ARG A 272 -18.14 13.98 38.40
N GLN A 273 -16.93 13.64 37.96
CA GLN A 273 -15.74 14.35 38.41
C GLN A 273 -15.57 15.66 37.66
N GLY A 274 -16.51 15.94 36.75
CA GLY A 274 -16.50 17.19 36.02
C GLY A 274 -15.66 17.10 34.77
N LYS A 275 -15.27 15.88 34.41
CA LYS A 275 -14.37 15.68 33.28
C LYS A 275 -15.14 15.53 31.97
N ARG A 276 -14.41 15.65 30.86
CA ARG A 276 -14.97 15.42 29.55
C ARG A 276 -14.38 14.11 29.03
N VAL A 277 -15.17 13.39 28.24
CA VAL A 277 -14.81 12.03 27.87
C VAL A 277 -14.81 11.89 26.36
N VAL A 278 -13.81 11.18 25.84
CA VAL A 278 -13.81 10.82 24.42
C VAL A 278 -13.77 9.30 24.28
N ILE A 279 -14.74 8.75 23.55
CA ILE A 279 -14.81 7.31 23.34
C ILE A 279 -14.02 6.97 22.08
N ASP A 280 -12.77 6.57 22.23
CA ASP A 280 -11.92 6.33 21.08
C ASP A 280 -11.99 4.87 20.67
N ASN A 281 -13.05 4.56 19.93
CA ASN A 281 -13.27 3.22 19.38
C ASN A 281 -13.71 3.35 17.94
N THR A 282 -14.00 2.22 17.31
CA THR A 282 -14.55 2.24 15.96
C THR A 282 -16.02 2.68 15.99
N ASN A 283 -16.80 2.05 16.88
CA ASN A 283 -18.22 2.38 17.07
C ASN A 283 -18.99 2.48 15.75
N PRO A 284 -18.99 1.41 14.96
CA PRO A 284 -19.48 1.44 13.58
C PRO A 284 -21.00 1.60 13.45
N ASP A 285 -21.76 1.08 14.40
CA ASP A 285 -23.22 1.04 14.26
C ASP A 285 -23.98 1.72 15.40
N VAL A 286 -25.31 1.68 15.30
CA VAL A 286 -26.16 2.41 16.24
C VAL A 286 -26.14 1.78 17.61
N PRO A 287 -26.26 0.45 17.69
CA PRO A 287 -26.20 -0.18 19.03
C PRO A 287 -24.86 0.07 19.74
N SER A 288 -23.75 0.02 18.99
CA SER A 288 -22.45 0.32 19.58
C SER A 288 -22.44 1.69 20.22
N ARG A 289 -22.93 2.69 19.50
CA ARG A 289 -22.91 4.06 19.98
C ARG A 289 -23.93 4.35 21.08
N ALA A 290 -25.06 3.65 21.05
CA ALA A 290 -26.18 3.90 21.97
C ALA A 290 -25.80 3.76 23.44
N ARG A 291 -24.81 2.93 23.73
CA ARG A 291 -24.31 2.77 25.09
C ARG A 291 -23.79 4.10 25.61
N TYR A 292 -23.10 4.83 24.75
CA TYR A 292 -22.42 6.05 25.17
C TYR A 292 -23.38 7.23 25.18
N ILE A 293 -24.32 7.25 24.25
CA ILE A 293 -25.32 8.30 24.26
C ILE A 293 -26.17 8.20 25.52
N GLN A 294 -26.51 6.97 25.90
CA GLN A 294 -27.33 6.74 27.08
C GLN A 294 -26.62 7.29 28.30
N CYS A 295 -25.36 6.89 28.45
CA CYS A 295 -24.50 7.39 29.50
C CYS A 295 -24.52 8.93 29.57
N ALA A 296 -24.36 9.57 28.43
CA ALA A 296 -24.37 11.02 28.39
C ALA A 296 -25.76 11.55 28.79
N LYS A 297 -26.81 10.95 28.25
CA LYS A 297 -28.18 11.36 28.56
C LYS A 297 -28.48 11.20 30.05
N ASP A 298 -28.03 10.09 30.63
CA ASP A 298 -28.25 9.79 32.03
C ASP A 298 -27.57 10.82 32.94
N ALA A 299 -26.42 11.30 32.49
CA ALA A 299 -25.64 12.26 33.24
C ALA A 299 -26.11 13.68 32.91
N GLY A 300 -26.92 13.80 31.88
CA GLY A 300 -27.40 15.10 31.47
C GLY A 300 -26.33 15.96 30.82
N VAL A 301 -25.32 15.31 30.25
CA VAL A 301 -24.30 16.06 29.52
C VAL A 301 -24.49 15.81 28.04
N PRO A 302 -23.98 16.73 27.21
CA PRO A 302 -24.18 16.58 25.77
C PRO A 302 -23.36 15.42 25.23
N CYS A 303 -23.83 14.81 24.14
CA CYS A 303 -23.06 13.82 23.42
C CYS A 303 -22.84 14.28 21.98
N ARG A 304 -21.58 14.39 21.57
CA ARG A 304 -21.28 14.76 20.20
C ARG A 304 -20.57 13.61 19.51
N CYS A 305 -20.65 13.57 18.18
CA CYS A 305 -19.93 12.57 17.40
C CYS A 305 -18.89 13.24 16.51
N PHE A 306 -17.68 12.69 16.53
CA PHE A 306 -16.65 13.10 15.59
C PHE A 306 -16.60 12.00 14.54
N ASN A 307 -17.14 12.31 13.37
CA ASN A 307 -17.24 11.33 12.31
C ASN A 307 -16.07 11.46 11.35
N PHE A 308 -15.19 10.47 11.37
CA PHE A 308 -14.01 10.51 10.52
C PHE A 308 -14.33 9.99 9.11
N ALA A 310 -12.50 9.08 6.46
CA ALA A 310 -11.67 8.11 5.74
C ALA A 310 -12.46 6.92 5.19
N THR A 311 -12.32 6.67 3.89
CA THR A 311 -12.89 5.47 3.27
C THR A 311 -12.05 4.26 3.65
N ILE A 312 -12.57 3.08 3.36
CA ILE A 312 -11.83 1.85 3.64
C ILE A 312 -10.47 1.84 2.94
N GLU A 313 -10.40 2.30 1.70
CA GLU A 313 -9.12 2.28 0.98
C GLU A 313 -8.15 3.31 1.52
N GLN A 314 -8.67 4.47 1.95
CA GLN A 314 -7.85 5.46 2.63
C GLN A 314 -7.32 4.91 3.96
N ALA A 315 -8.16 4.21 4.71
CA ALA A 315 -7.74 3.61 5.96
C ALA A 315 -6.67 2.54 5.75
N ARG A 316 -6.86 1.71 4.73
CA ARG A 316 -5.89 0.66 4.41
C ARG A 316 -4.56 1.22 3.91
N HIS A 317 -4.63 2.27 3.09
CA HIS A 317 -3.44 3.00 2.67
C HIS A 317 -2.68 3.52 3.89
N ASN A 318 -3.40 4.18 4.79
CA ASN A 318 -2.77 4.73 5.98
C ASN A 318 -2.12 3.66 6.84
N ASN A 319 -2.85 2.56 7.06
CA ASN A 319 -2.32 1.41 7.78
C ASN A 319 -0.99 0.92 7.19
N ARG A 320 -0.97 0.71 5.87
CA ARG A 320 0.24 0.26 5.22
C ARG A 320 1.37 1.27 5.41
N PHE A 321 1.03 2.56 5.32
CA PHE A 321 2.04 3.61 5.44
C PHE A 321 2.66 3.56 6.82
N ARG A 322 1.82 3.44 7.84
CA ARG A 322 2.31 3.40 9.21
C ARG A 322 3.09 2.10 9.49
N GLU A 323 2.68 1.01 8.88
CA GLU A 323 3.44 -0.24 8.95
C GLU A 323 4.87 -0.03 8.45
N THR A 325 6.55 2.93 8.31
CA THR A 325 7.25 4.09 8.84
C THR A 325 7.24 4.22 10.37
N ASP A 326 6.27 3.62 11.05
CA ASP A 326 6.12 3.80 12.49
C ASP A 326 6.32 2.50 13.26
N PRO A 327 7.45 2.39 13.95
CA PRO A 327 7.85 1.20 14.71
C PRO A 327 6.84 0.75 15.75
N SER A 328 5.96 1.67 16.16
CA SER A 328 5.00 1.38 17.22
C SER A 328 3.60 1.16 16.67
N HIS A 329 3.44 1.28 15.36
CA HIS A 329 2.14 1.07 14.75
C HIS A 329 1.63 -0.35 14.97
N ALA A 330 0.38 -0.46 15.43
CA ALA A 330 -0.30 -1.75 15.53
C ALA A 330 -1.03 -1.99 14.22
N PRO A 331 -0.57 -2.99 13.45
CA PRO A 331 -1.16 -3.31 12.14
C PRO A 331 -2.61 -3.71 12.20
N VAL A 332 -3.45 -3.01 11.45
CA VAL A 332 -4.86 -3.37 11.36
C VAL A 332 -5.09 -4.39 10.26
N SER A 333 -5.65 -5.54 10.63
CA SER A 333 -5.85 -6.63 9.68
C SER A 333 -7.00 -6.32 8.73
N ASP A 334 -6.95 -6.89 7.54
CA ASP A 334 -8.06 -6.74 6.60
C ASP A 334 -9.36 -7.29 7.19
N VAL A 336 -10.44 -6.98 10.21
CA VAL A 336 -11.04 -5.91 10.99
C VAL A 336 -11.63 -4.79 10.10
N PHE A 338 -12.90 -4.93 6.89
CA PHE A 338 -14.14 -5.30 6.21
C PHE A 338 -15.27 -5.61 7.19
N SER A 339 -14.92 -6.17 8.34
CA SER A 339 -15.89 -6.35 9.42
C SER A 339 -16.50 -5.00 9.86
N TYR A 340 -15.67 -3.99 9.98
CA TYR A 340 -16.16 -2.65 10.30
C TYR A 340 -17.09 -2.14 9.20
N ARG A 341 -16.70 -2.34 7.95
CA ARG A 341 -17.48 -1.83 6.83
C ARG A 341 -18.85 -2.47 6.74
N LYS A 342 -18.94 -3.77 7.04
CA LYS A 342 -20.21 -4.47 7.00
C LYS A 342 -21.14 -3.97 8.12
N GLN A 343 -20.57 -3.57 9.25
CA GLN A 343 -21.38 -3.12 10.38
C GLN A 343 -21.75 -1.64 10.28
N PHE A 344 -21.01 -0.87 9.50
CA PHE A 344 -21.12 0.58 9.54
C PHE A 344 -22.50 1.16 9.21
N GLU A 345 -23.04 1.91 10.16
CA GLU A 345 -24.20 2.78 9.93
C GLU A 345 -23.80 4.21 10.26
N PRO A 346 -23.93 5.13 9.30
CA PRO A 346 -23.50 6.50 9.57
C PRO A 346 -24.16 7.08 10.82
N PRO A 347 -23.44 7.94 11.55
CA PRO A 347 -24.10 8.62 12.67
C PRO A 347 -25.19 9.58 12.21
N THR A 348 -26.30 9.65 12.93
CA THR A 348 -27.29 10.71 12.71
C THR A 348 -27.73 11.34 14.02
N LEU A 349 -28.21 12.58 13.93
CA LEU A 349 -28.65 13.34 15.09
C LEU A 349 -29.79 12.63 15.82
N ALA A 350 -30.58 11.87 15.09
CA ALA A 350 -31.69 11.11 15.67
C ALA A 350 -31.20 10.14 16.75
N GLU A 351 -29.97 9.67 16.64
CA GLU A 351 -29.41 8.78 17.65
C GLU A 351 -29.35 9.46 19.01
N GLY A 352 -29.35 10.80 19.02
CA GLY A 352 -29.24 11.54 20.26
C GLY A 352 -27.96 12.37 20.39
N PHE A 353 -27.26 12.60 19.29
CA PHE A 353 -26.09 13.46 19.30
C PHE A 353 -26.51 14.94 19.25
N LEU A 354 -25.87 15.79 20.04
CA LEU A 354 -26.11 17.23 19.95
C LEU A 354 -25.68 17.74 18.57
N GLU A 355 -24.49 17.32 18.15
CA GLU A 355 -24.00 17.65 16.82
C GLU A 355 -23.04 16.58 16.36
N ILE A 356 -22.81 16.54 15.05
CA ILE A 356 -21.83 15.67 14.44
C ILE A 356 -20.80 16.55 13.70
N LEU A 357 -19.53 16.39 14.04
CA LEU A 357 -18.44 17.02 13.29
C LEU A 357 -17.87 16.00 12.30
N GLU A 358 -17.60 16.45 11.08
CA GLU A 358 -16.92 15.61 10.10
C GLU A 358 -15.44 15.92 10.17
N ILE A 359 -14.63 14.86 10.17
CA ILE A 359 -13.19 15.03 10.22
C ILE A 359 -12.62 14.53 8.91
N PRO A 360 -12.40 15.45 7.97
CA PRO A 360 -11.88 15.05 6.65
C PRO A 360 -10.56 14.31 6.75
N PHE A 361 -10.37 13.36 5.85
CA PHE A 361 -9.13 12.59 5.80
C PHE A 361 -8.06 13.42 5.12
N ARG A 362 -7.00 13.75 5.86
CA ARG A 362 -5.95 14.64 5.36
C ARG A 362 -4.56 14.10 5.63
N LEU A 363 -3.58 14.59 4.90
CA LEU A 363 -2.19 14.21 5.13
C LEU A 363 -1.69 14.93 6.40
N GLN A 364 -1.24 14.14 7.39
CA GLN A 364 -0.83 14.68 8.69
C GLN A 364 -0.14 16.04 8.61
N HIS A 366 3.38 17.92 8.79
CA HIS A 366 3.78 17.23 10.01
C HIS A 366 4.55 15.93 9.76
N LEU A 367 4.78 15.60 8.48
CA LEU A 367 5.67 14.50 8.11
C LEU A 367 6.88 15.12 7.42
N ASP A 368 8.05 14.50 7.54
CA ASP A 368 9.21 15.06 6.84
C ASP A 368 9.05 14.86 5.33
N PRO A 369 9.82 15.61 4.53
CA PRO A 369 9.71 15.57 3.07
C PRO A 369 9.73 14.18 2.47
N ALA A 370 10.62 13.31 2.95
CA ALA A 370 10.74 11.95 2.45
C ALA A 370 9.46 11.15 2.73
N LEU A 371 8.88 11.32 3.91
CA LEU A 371 7.70 10.54 4.28
C LEU A 371 6.46 11.01 3.55
N GLN A 372 6.44 12.28 3.13
CA GLN A 372 5.32 12.81 2.36
C GLN A 372 5.40 12.23 0.96
N ARG A 373 6.62 12.06 0.46
CA ARG A 373 6.80 11.41 -0.83
C ARG A 373 6.40 9.93 -0.77
N LEU A 374 6.70 9.27 0.33
CA LEU A 374 6.27 7.90 0.50
C LEU A 374 4.73 7.85 0.58
N TYR A 375 4.13 8.83 1.26
CA TYR A 375 2.69 8.79 1.48
C TYR A 375 1.90 8.82 0.18
N ARG A 376 2.40 9.59 -0.80
CA ARG A 376 1.71 9.72 -2.08
C ARG A 376 1.92 8.56 -3.06
N GLN A 377 2.63 7.52 -2.64
CA GLN A 377 2.80 6.34 -3.48
C GLN A 377 1.65 5.35 -3.27
N PHE A 378 1.11 4.80 -4.34
CA PHE A 378 0.26 3.63 -4.25
C PHE A 378 1.08 2.55 -3.56
N SER A 379 0.51 1.82 -2.61
CA SER A 379 1.28 0.85 -1.84
C SER A 379 0.69 -0.55 -1.91
N GLU A 380 -0.35 -0.73 -2.73
CA GLU A 380 -0.90 -2.05 -2.95
C GLU A 380 -1.42 -2.20 -4.36
N GLY A 381 -1.16 -3.34 -4.98
CA GLY A 381 -1.60 -3.60 -6.34
C GLY A 381 -3.06 -4.03 -6.35
#